data_3NK0
#
_entry.id   3NK0
#
_cell.length_a   163.677
_cell.length_b   163.677
_cell.length_c   163.677
_cell.angle_alpha   90.00
_cell.angle_beta   90.00
_cell.angle_gamma   90.00
#
_symmetry.space_group_name_H-M   'P 4 3 2'
#
loop_
_entity.id
_entity.type
_entity.pdbx_description
1 polymer '6-hydroxy-L-nicotine oxidase'
2 non-polymer 5-[(2R)-1-methylpyrrolidin-2-yl]pyridin-2-ol
3 non-polymer 'FLAVIN-ADENINE DINUCLEOTIDE'
4 non-polymer '(1R)-2-{[(S)-(2-aminoethoxy)(hydroxy)phosphoryl]oxy}-1-[(pentadecanoyloxy)methyl]ethyl (12E)-hexadeca-9,12-dienoate'
5 non-polymer 1-(6-hydroxypyridin-3-yl)-4-(methylamino)butan-1-one
6 water water
#
_entity_poly.entity_id   1
_entity_poly.type   'polypeptide(L)'
_entity_poly.pdbx_seq_one_letter_code
;MYDAIVVGGGFSGLKAARDLTNAGKKVLLLEGGERLGGRAYSRESRNVPGLRVEIGGAYLHRKHHPRLAAELDRYGIPTA
AASEFTSFRHRLGPTAVDQAFPIPGSEAVAVEAATYTLLRDAHRIDLEKGLENQDLEDLDIPLNEYVDKLDLPPVSRQFL
LAWAWNMLGQPADQASALWMLQLVAAHHYSILGVVLSLDEVFSNGSADLVDAMSQEIPEIRLQTVVTGIDQSGDVVNVTV
KDGHAFQAHSVIVATPMNTWRRIVFTPALPERRRSVIEEGHGGQGLKILIHVRGAEAGIECVGDGIFPTLYDYCEVSESE
RLLVAFTDSGSFDPTDIGAVKDAVLYYLPEVEVLGIDYHDWIADPLFEGPWVAPRVGQFSRVHKELGEPAGRIHFVGSDV
SLEFPGYIEGALETAECAVNAILHSHHHHHH
;
_entity_poly.pdbx_strand_id   X
#
loop_
_chem_comp.id
_chem_comp.type
_chem_comp.name
_chem_comp.formula
FAD non-polymer 'FLAVIN-ADENINE DINUCLEOTIDE' 'C27 H33 N9 O15 P2'
GP7 non-polymer '(1R)-2-{[(S)-(2-aminoethoxy)(hydroxy)phosphoryl]oxy}-1-[(pentadecanoyloxy)methyl]ethyl (12E)-hexadeca-9,12-dienoate' 'C36 H68 N O8 P'
HNK non-polymer 5-[(2R)-1-methylpyrrolidin-2-yl]pyridin-2-ol 'C10 H14 N2 O'
HNM non-polymer 1-(6-hydroxypyridin-3-yl)-4-(methylamino)butan-1-one 'C10 H14 N2 O2'
#
# COMPACT_ATOMS: atom_id res chain seq x y z
N MET A 1 19.50 18.86 -20.80
N MET A 1 18.64 19.87 -18.53
CA MET A 1 18.45 19.03 -19.74
C MET A 1 17.03 18.53 -20.14
N TYR A 2 16.19 18.23 -19.15
CA TYR A 2 14.87 17.61 -19.41
C TYR A 2 13.85 18.61 -19.02
N ASP A 3 12.63 18.49 -19.55
CA ASP A 3 11.49 19.24 -18.92
C ASP A 3 11.20 18.73 -17.53
N ALA A 4 11.37 17.43 -17.35
CA ALA A 4 11.07 16.79 -16.08
C ALA A 4 11.90 15.56 -15.81
N ILE A 5 12.39 15.45 -14.60
CA ILE A 5 12.91 14.20 -14.10
C ILE A 5 11.94 13.55 -13.13
N VAL A 6 11.62 12.30 -13.41
CA VAL A 6 10.86 11.49 -12.48
C VAL A 6 11.77 10.55 -11.71
N VAL A 7 11.72 10.68 -10.40
CA VAL A 7 12.49 9.85 -9.51
C VAL A 7 11.66 8.72 -8.92
N GLY A 8 11.91 7.51 -9.39
CA GLY A 8 11.20 6.34 -8.93
C GLY A 8 10.28 5.74 -9.98
N GLY A 9 10.40 4.43 -10.16
CA GLY A 9 9.76 3.73 -11.25
C GLY A 9 8.72 2.72 -10.82
N GLY A 10 8.00 3.04 -9.76
CA GLY A 10 6.72 2.41 -9.48
C GLY A 10 5.62 2.98 -10.34
N PHE A 11 4.38 2.63 -10.01
CA PHE A 11 3.25 2.95 -10.88
C PHE A 11 3.06 4.46 -11.02
N SER A 12 3.30 5.16 -9.93
CA SER A 12 3.26 6.61 -9.87
C SER A 12 4.24 7.30 -10.82
N GLY A 13 5.52 6.98 -10.67
CA GLY A 13 6.54 7.42 -11.59
C GLY A 13 6.29 7.05 -13.04
N LEU A 14 5.90 5.80 -13.28
CA LEU A 14 5.65 5.33 -14.62
C LEU A 14 4.53 6.11 -15.30
N LYS A 15 3.41 6.28 -14.61
CA LYS A 15 2.33 7.10 -15.12
C LYS A 15 2.77 8.52 -15.43
N ALA A 16 3.41 9.16 -14.47
CA ALA A 16 3.83 10.54 -14.65
C ALA A 16 4.73 10.66 -15.87
N ALA A 17 5.72 9.78 -15.94
CA ALA A 17 6.70 9.82 -17.00
C ALA A 17 6.11 9.55 -18.37
N ARG A 18 5.22 8.58 -18.46
CA ARG A 18 4.48 8.30 -19.69
C ARG A 18 3.58 9.45 -20.11
N ASP A 19 2.85 10.00 -19.16
CA ASP A 19 1.83 10.97 -19.50
C ASP A 19 2.50 12.26 -19.93
N LEU A 20 3.53 12.66 -19.20
CA LEU A 20 4.37 13.78 -19.60
C LEU A 20 5.03 13.57 -20.96
N THR A 21 5.58 12.39 -21.19
CA THR A 21 6.12 12.07 -22.49
C THR A 21 5.09 12.29 -23.59
N ASN A 22 3.91 11.70 -23.42
CA ASN A 22 2.87 11.77 -24.42
C ASN A 22 2.32 13.17 -24.62
N ALA A 23 2.53 14.02 -23.63
CA ALA A 23 2.16 15.41 -23.74
C ALA A 23 3.18 16.22 -24.52
N GLY A 24 4.27 15.58 -24.93
CA GLY A 24 5.29 16.26 -25.71
C GLY A 24 6.44 16.80 -24.91
N LYS A 25 6.55 16.39 -23.66
CA LYS A 25 7.66 16.80 -22.83
C LYS A 25 8.85 15.86 -22.90
N LYS A 26 10.01 16.40 -22.58
CA LYS A 26 11.22 15.63 -22.53
C LYS A 26 11.49 15.14 -21.11
N VAL A 27 11.35 13.84 -20.93
CA VAL A 27 11.28 13.25 -19.59
C VAL A 27 12.39 12.26 -19.39
N LEU A 28 13.01 12.31 -18.22
CA LEU A 28 13.86 11.24 -17.76
C LEU A 28 13.36 10.58 -16.48
N LEU A 29 13.31 9.26 -16.49
CA LEU A 29 12.94 8.50 -15.32
C LEU A 29 14.14 7.81 -14.66
N LEU A 30 14.38 8.12 -13.40
CA LEU A 30 15.49 7.51 -12.73
C LEU A 30 14.90 6.49 -11.69
N GLU A 31 15.27 5.23 -11.83
CA GLU A 31 14.94 4.19 -10.88
C GLU A 31 16.18 3.64 -10.17
N GLY A 32 16.15 3.63 -8.85
CA GLY A 32 17.29 3.22 -8.06
C GLY A 32 17.61 1.74 -8.11
N GLY A 33 16.60 0.92 -8.36
CA GLY A 33 16.78 -0.52 -8.35
C GLY A 33 16.96 -1.15 -9.70
N GLU A 34 16.88 -2.47 -9.75
CA GLU A 34 17.14 -3.21 -10.96
C GLU A 34 15.89 -3.58 -11.72
N ARG A 35 14.74 -3.18 -11.22
CA ARG A 35 13.49 -3.54 -11.83
CA ARG A 35 13.48 -3.54 -11.82
C ARG A 35 12.59 -2.30 -11.73
N LEU A 36 11.54 -2.29 -12.52
CA LEU A 36 10.47 -1.32 -12.37
C LEU A 36 9.26 -1.92 -11.66
N GLY A 37 8.41 -1.10 -11.07
CA GLY A 37 7.19 -1.59 -10.44
C GLY A 37 7.14 -1.35 -8.93
N GLY A 38 8.30 -1.21 -8.27
CA GLY A 38 8.39 -0.75 -6.91
C GLY A 38 7.65 -1.77 -5.98
N ARG A 39 6.65 -1.33 -5.24
CA ARG A 39 5.97 -2.21 -4.27
C ARG A 39 4.91 -3.12 -4.96
N ALA A 40 4.76 -2.93 -6.25
CA ALA A 40 4.19 -3.94 -7.13
C ALA A 40 5.27 -4.83 -7.74
N TYR A 41 5.36 -6.04 -7.21
CA TYR A 41 6.52 -6.88 -7.44
C TYR A 41 6.08 -8.31 -7.65
N SER A 42 5.72 -8.66 -8.88
CA SER A 42 5.66 -10.05 -9.27
C SER A 42 6.99 -10.70 -9.57
N ARG A 43 7.11 -11.96 -9.19
CA ARG A 43 8.31 -12.74 -9.43
C ARG A 43 8.05 -14.21 -9.19
N GLU A 44 9.05 -15.03 -9.46
CA GLU A 44 8.96 -16.47 -9.23
C GLU A 44 8.98 -16.77 -7.74
N SER A 45 8.18 -17.74 -7.32
CA SER A 45 8.18 -18.21 -5.93
C SER A 45 9.54 -18.70 -5.46
N ARG A 46 9.95 -18.25 -4.28
CA ARG A 46 11.03 -18.88 -3.53
C ARG A 46 10.76 -20.34 -3.12
N ASN A 47 9.50 -20.73 -3.05
CA ASN A 47 9.14 -22.02 -2.51
C ASN A 47 8.85 -23.02 -3.62
N VAL A 48 8.22 -22.55 -4.69
CA VAL A 48 7.71 -23.41 -5.72
C VAL A 48 8.24 -22.91 -7.12
N PRO A 49 9.26 -23.60 -7.67
CA PRO A 49 9.91 -23.18 -8.91
C PRO A 49 8.94 -23.10 -10.04
N GLY A 50 9.05 -22.07 -10.88
CA GLY A 50 8.10 -21.94 -11.97
C GLY A 50 6.78 -21.31 -11.55
N LEU A 51 6.58 -21.00 -10.26
CA LEU A 51 5.30 -20.38 -9.88
C LEU A 51 5.49 -18.90 -9.76
N ARG A 52 4.62 -18.17 -10.45
CA ARG A 52 4.71 -16.70 -10.36
C ARG A 52 3.83 -16.14 -9.22
N VAL A 53 4.44 -15.33 -8.35
CA VAL A 53 3.69 -14.77 -7.23
C VAL A 53 3.80 -13.26 -7.12
N GLU A 54 2.82 -12.66 -6.46
CA GLU A 54 2.89 -11.26 -6.07
C GLU A 54 3.39 -11.09 -4.65
N ILE A 55 4.49 -10.38 -4.52
CA ILE A 55 5.17 -10.26 -3.26
C ILE A 55 4.96 -8.88 -2.62
N GLY A 56 4.38 -7.97 -3.39
CA GLY A 56 3.70 -6.84 -2.80
C GLY A 56 2.27 -6.72 -3.26
N GLY A 57 1.91 -5.55 -3.75
CA GLY A 57 0.56 -5.24 -4.14
C GLY A 57 -0.02 -6.17 -5.17
N ALA A 58 -1.30 -6.50 -5.03
CA ALA A 58 -1.95 -7.49 -5.87
C ALA A 58 -3.40 -7.15 -6.22
N TYR A 59 -4.18 -6.76 -5.23
CA TYR A 59 -5.64 -6.75 -5.38
C TYR A 59 -6.18 -5.40 -5.84
N LEU A 60 -7.27 -5.44 -6.59
CA LEU A 60 -7.90 -4.24 -7.08
C LEU A 60 -9.42 -4.41 -7.15
N HIS A 61 -10.14 -3.29 -7.24
CA HIS A 61 -11.55 -3.32 -7.47
C HIS A 61 -11.87 -2.27 -8.52
N ARG A 62 -12.31 -2.74 -9.69
CA ARG A 62 -12.59 -1.83 -10.81
CA ARG A 62 -12.66 -1.86 -10.83
C ARG A 62 -13.50 -0.67 -10.45
N LYS A 63 -14.40 -0.85 -9.52
CA LYS A 63 -15.26 0.28 -9.27
C LYS A 63 -14.71 1.20 -8.21
N HIS A 64 -13.97 0.75 -7.20
CA HIS A 64 -13.32 1.71 -6.30
CA HIS A 64 -13.40 1.86 -6.37
C HIS A 64 -12.05 2.37 -6.99
N HIS A 65 -11.59 1.77 -8.08
CA HIS A 65 -10.26 2.02 -8.63
C HIS A 65 -10.29 2.31 -10.13
N PRO A 66 -10.86 3.44 -10.50
CA PRO A 66 -11.24 3.70 -11.89
C PRO A 66 -10.05 4.03 -12.80
N ARG A 67 -9.02 4.65 -12.25
CA ARG A 67 -7.81 4.91 -13.01
C ARG A 67 -7.09 3.62 -13.35
N LEU A 68 -7.00 2.73 -12.39
CA LEU A 68 -6.43 1.42 -12.62
C LEU A 68 -7.24 0.64 -13.64
N ALA A 69 -8.56 0.71 -13.52
CA ALA A 69 -9.44 0.08 -14.49
C ALA A 69 -9.15 0.57 -15.90
N ALA A 70 -8.97 1.87 -16.03
CA ALA A 70 -8.63 2.48 -17.30
C ALA A 70 -7.31 1.98 -17.87
N GLU A 71 -6.31 1.82 -17.02
CA GLU A 71 -5.03 1.28 -17.44
C GLU A 71 -5.16 -0.13 -17.94
N LEU A 72 -5.94 -0.95 -17.24
CA LEU A 72 -6.17 -2.31 -17.64
C LEU A 72 -6.88 -2.42 -18.98
N ASP A 73 -7.87 -1.57 -19.19
CA ASP A 73 -8.59 -1.52 -20.44
C ASP A 73 -7.72 -0.99 -21.59
N ARG A 74 -6.97 0.07 -21.32
CA ARG A 74 -6.00 0.63 -22.24
C ARG A 74 -5.08 -0.41 -22.90
N TYR A 75 -4.47 -1.26 -22.08
CA TYR A 75 -3.48 -2.20 -22.58
C TYR A 75 -4.02 -3.62 -22.75
N GLY A 76 -5.32 -3.79 -22.54
CA GLY A 76 -5.92 -5.11 -22.66
C GLY A 76 -5.37 -6.11 -21.68
N ILE A 77 -5.17 -5.68 -20.45
CA ILE A 77 -4.58 -6.53 -19.44
C ILE A 77 -5.63 -7.30 -18.67
N PRO A 78 -5.44 -8.59 -18.59
CA PRO A 78 -6.47 -9.48 -18.07
C PRO A 78 -6.45 -9.56 -16.56
N THR A 79 -7.64 -9.53 -15.98
CA THR A 79 -7.82 -9.75 -14.55
C THR A 79 -8.77 -10.90 -14.32
N ALA A 80 -8.65 -11.51 -13.15
CA ALA A 80 -9.60 -12.49 -12.69
C ALA A 80 -9.90 -12.29 -11.25
N ALA A 81 -11.14 -12.73 -11.01
CA ALA A 81 -11.73 -12.82 -9.69
C ALA A 81 -10.73 -13.63 -8.87
N ALA A 82 -10.56 -13.17 -7.63
CA ALA A 82 -9.71 -13.89 -6.74
C ALA A 82 -10.53 -15.10 -6.40
N SER A 83 -9.84 -16.15 -6.00
CA SER A 83 -10.54 -17.40 -5.67
C SER A 83 -11.51 -17.03 -4.55
N GLU A 84 -12.79 -17.08 -4.87
CA GLU A 84 -13.83 -16.93 -3.85
C GLU A 84 -13.69 -17.99 -2.77
N PHE A 85 -14.11 -17.65 -1.55
CA PHE A 85 -13.82 -18.46 -0.38
C PHE A 85 -15.02 -19.30 -0.02
N THR A 86 -14.83 -20.53 0.33
CA THR A 86 -15.91 -21.46 0.58
C THR A 86 -15.77 -22.13 1.93
N SER A 87 -14.57 -22.10 2.48
CA SER A 87 -14.34 -22.72 3.76
C SER A 87 -13.86 -21.68 4.76
N PHE A 88 -14.63 -21.51 5.82
CA PHE A 88 -14.32 -20.52 6.83
C PHE A 88 -13.88 -21.15 8.14
N ARG A 89 -12.71 -20.76 8.61
CA ARG A 89 -12.06 -21.42 9.71
C ARG A 89 -11.61 -20.37 10.73
N HIS A 90 -12.59 -19.64 11.24
CA HIS A 90 -12.32 -18.50 12.08
C HIS A 90 -11.93 -18.88 13.49
N ARG A 91 -11.18 -17.99 14.12
CA ARG A 91 -10.92 -18.03 15.53
C ARG A 91 -11.46 -16.78 16.21
N LEU A 92 -12.77 -16.77 16.39
CA LEU A 92 -13.47 -15.61 16.90
C LEU A 92 -14.35 -16.00 18.07
N GLY A 93 -14.05 -17.16 18.65
CA GLY A 93 -14.84 -17.70 19.74
C GLY A 93 -16.02 -18.53 19.32
N PRO A 94 -16.67 -19.12 20.30
CA PRO A 94 -17.62 -20.21 20.09
C PRO A 94 -18.97 -19.76 19.58
N THR A 95 -19.30 -18.48 19.71
CA THR A 95 -20.54 -17.94 19.16
C THR A 95 -20.43 -17.48 17.72
N ALA A 96 -19.20 -17.38 17.23
CA ALA A 96 -19.01 -16.99 15.85
C ALA A 96 -19.61 -17.99 14.90
N VAL A 97 -20.04 -17.50 13.75
CA VAL A 97 -20.46 -18.38 12.66
C VAL A 97 -19.41 -18.48 11.55
N ASP A 98 -19.19 -19.69 11.08
CA ASP A 98 -18.21 -19.93 10.06
C ASP A 98 -18.81 -19.62 8.70
N GLN A 99 -18.96 -18.33 8.45
CA GLN A 99 -19.13 -17.83 7.10
C GLN A 99 -18.40 -16.50 6.99
N ALA A 100 -18.48 -15.91 5.81
CA ALA A 100 -17.71 -14.72 5.49
C ALA A 100 -18.05 -13.55 6.40
N PHE A 101 -19.31 -13.44 6.76
CA PHE A 101 -19.73 -12.51 7.79
C PHE A 101 -20.10 -13.28 9.02
N PRO A 102 -19.22 -13.29 10.01
CA PRO A 102 -19.26 -14.30 11.05
C PRO A 102 -20.04 -13.84 12.28
N ILE A 103 -20.64 -12.66 12.21
CA ILE A 103 -21.32 -12.08 13.36
C ILE A 103 -22.61 -12.82 13.64
N PRO A 104 -22.78 -13.29 14.86
CA PRO A 104 -24.03 -13.92 15.25
C PRO A 104 -25.15 -12.91 15.52
N GLY A 105 -26.38 -13.38 15.45
CA GLY A 105 -27.56 -12.60 15.76
C GLY A 105 -27.56 -11.91 17.10
N SER A 106 -27.06 -12.60 18.12
CA SER A 106 -26.93 -12.00 19.43
C SER A 106 -26.09 -10.74 19.46
N GLU A 107 -25.26 -10.53 18.44
CA GLU A 107 -24.49 -9.29 18.35
C GLU A 107 -25.06 -8.23 17.41
N ALA A 108 -26.19 -8.53 16.79
CA ALA A 108 -26.67 -7.73 15.67
C ALA A 108 -26.93 -6.28 16.04
N VAL A 109 -27.54 -6.07 17.19
CA VAL A 109 -27.88 -4.74 17.65
C VAL A 109 -26.63 -3.93 17.92
N ALA A 110 -25.65 -4.55 18.57
CA ALA A 110 -24.39 -3.89 18.88
C ALA A 110 -23.66 -3.49 17.61
N VAL A 111 -23.75 -4.35 16.59
CA VAL A 111 -23.10 -4.08 15.33
C VAL A 111 -23.76 -2.92 14.59
N GLU A 112 -25.09 -2.97 14.49
CA GLU A 112 -25.89 -1.85 14.04
C GLU A 112 -25.47 -0.52 14.65
N ALA A 113 -25.41 -0.46 15.97
CA ALA A 113 -25.02 0.76 16.66
C ALA A 113 -23.59 1.22 16.34
N ALA A 114 -22.66 0.27 16.40
CA ALA A 114 -21.26 0.55 16.09
C ALA A 114 -21.08 0.98 14.65
N THR A 115 -21.85 0.38 13.77
CA THR A 115 -21.84 0.79 12.40
C THR A 115 -22.22 2.26 12.25
N TYR A 116 -23.28 2.69 12.93
CA TYR A 116 -23.67 4.09 12.90
C TYR A 116 -22.59 5.00 13.46
N THR A 117 -22.04 4.65 14.60
CA THR A 117 -20.98 5.42 15.21
C THR A 117 -19.75 5.57 14.31
N LEU A 118 -19.32 4.47 13.70
CA LEU A 118 -18.15 4.52 12.86
C LEU A 118 -18.35 5.34 11.64
N LEU A 119 -19.47 5.14 10.95
CA LEU A 119 -19.77 5.89 9.76
C LEU A 119 -20.02 7.39 10.01
N ARG A 120 -20.64 7.69 11.14
CA ARG A 120 -20.82 9.07 11.53
C ARG A 120 -19.41 9.70 11.71
N ASP A 121 -18.50 8.99 12.33
CA ASP A 121 -17.15 9.49 12.49
C ASP A 121 -16.45 9.65 11.15
N ALA A 122 -16.49 8.63 10.30
CA ALA A 122 -15.86 8.73 8.99
C ALA A 122 -16.38 9.92 8.19
N HIS A 123 -17.70 10.21 8.32
CA HIS A 123 -18.34 11.32 7.62
C HIS A 123 -17.82 12.69 8.04
N ARG A 124 -17.21 12.81 9.20
CA ARG A 124 -16.44 14.03 9.54
C ARG A 124 -15.30 14.34 8.52
N ILE A 125 -14.89 13.35 7.74
CA ILE A 125 -13.70 13.48 6.91
C ILE A 125 -14.06 13.88 5.49
N ASP A 126 -13.56 15.02 5.07
CA ASP A 126 -13.59 15.42 3.68
C ASP A 126 -12.25 15.07 3.03
N LEU A 127 -12.30 14.25 2.00
CA LEU A 127 -11.10 13.67 1.42
C LEU A 127 -10.23 14.66 0.66
N GLU A 128 -10.66 15.91 0.52
CA GLU A 128 -9.90 16.82 -0.29
C GLU A 128 -9.00 17.70 0.55
N LYS A 129 -9.27 17.76 1.85
CA LYS A 129 -8.82 18.86 2.67
C LYS A 129 -7.52 18.53 3.36
N GLY A 130 -7.26 17.24 3.52
CA GLY A 130 -6.21 16.78 4.39
C GLY A 130 -6.59 16.54 5.83
N LEU A 131 -6.01 15.52 6.43
CA LEU A 131 -6.38 15.09 7.76
C LEU A 131 -5.93 16.06 8.85
N GLU A 132 -5.12 17.03 8.47
CA GLU A 132 -4.57 18.00 9.41
C GLU A 132 -5.35 19.31 9.41
N ASN A 133 -6.29 19.43 8.48
CA ASN A 133 -7.01 20.66 8.26
C ASN A 133 -8.49 20.62 8.64
N GLN A 134 -8.88 19.66 9.47
CA GLN A 134 -10.30 19.41 9.68
C GLN A 134 -10.75 19.22 11.13
N ASP A 135 -9.92 19.59 12.08
CA ASP A 135 -10.29 19.43 13.48
C ASP A 135 -10.65 17.98 13.81
N LEU A 136 -9.74 17.07 13.50
CA LEU A 136 -9.99 15.65 13.60
C LEU A 136 -9.12 15.04 14.67
N GLU A 137 -8.47 15.91 15.45
CA GLU A 137 -7.46 15.51 16.41
C GLU A 137 -8.00 14.57 17.47
N ASP A 138 -9.27 14.70 17.78
CA ASP A 138 -9.89 13.89 18.80
C ASP A 138 -10.00 12.44 18.34
N LEU A 139 -9.95 12.24 17.03
CA LEU A 139 -9.94 10.89 16.47
C LEU A 139 -8.55 10.29 16.34
N ASP A 140 -7.52 11.14 16.38
CA ASP A 140 -6.15 10.70 16.20
C ASP A 140 -5.60 10.13 17.49
N ILE A 141 -6.03 8.91 17.79
CA ILE A 141 -5.76 8.26 19.05
C ILE A 141 -5.65 6.79 18.73
N PRO A 142 -5.06 6.03 19.63
CA PRO A 142 -4.81 4.62 19.37
C PRO A 142 -6.11 3.85 19.11
N LEU A 143 -6.07 2.99 18.10
CA LEU A 143 -7.26 2.31 17.63
C LEU A 143 -7.89 1.48 18.71
N ASN A 144 -7.06 0.94 19.59
CA ASN A 144 -7.59 0.12 20.65
C ASN A 144 -8.44 0.92 21.63
N GLU A 145 -8.07 2.18 21.86
CA GLU A 145 -8.85 3.05 22.70
C GLU A 145 -10.15 3.47 22.05
N TYR A 146 -10.08 3.80 20.77
CA TYR A 146 -11.26 4.12 20.00
C TYR A 146 -12.26 2.98 20.02
N VAL A 147 -11.76 1.78 19.79
CA VAL A 147 -12.60 0.61 19.71
C VAL A 147 -13.19 0.20 21.06
N ASP A 148 -12.46 0.47 22.15
CA ASP A 148 -12.97 0.28 23.49
C ASP A 148 -14.18 1.15 23.78
N LYS A 149 -14.21 2.32 23.16
CA LYS A 149 -15.36 3.21 23.24
C LYS A 149 -16.58 2.69 22.52
N LEU A 150 -16.39 1.83 21.53
CA LEU A 150 -17.51 1.23 20.83
C LEU A 150 -18.20 0.16 21.66
N ASP A 151 -17.51 -0.35 22.66
CA ASP A 151 -18.02 -1.43 23.51
C ASP A 151 -18.71 -2.52 22.69
N LEU A 152 -17.95 -3.16 21.81
CA LEU A 152 -18.44 -4.29 21.04
C LEU A 152 -18.31 -5.59 21.78
N PRO A 153 -19.30 -6.45 21.64
CA PRO A 153 -19.20 -7.85 22.07
C PRO A 153 -18.17 -8.63 21.28
N PRO A 154 -17.77 -9.79 21.79
CA PRO A 154 -16.49 -10.37 21.34
C PRO A 154 -16.29 -10.72 19.89
N VAL A 155 -17.27 -11.25 19.17
CA VAL A 155 -17.00 -11.71 17.81
C VAL A 155 -16.76 -10.52 16.95
N SER A 156 -17.68 -9.56 17.00
CA SER A 156 -17.54 -8.36 16.18
C SER A 156 -16.38 -7.51 16.61
N ARG A 157 -16.10 -7.42 17.89
CA ARG A 157 -14.93 -6.70 18.35
C ARG A 157 -13.65 -7.25 17.73
N GLN A 158 -13.47 -8.56 17.84
CA GLN A 158 -12.25 -9.19 17.37
C GLN A 158 -12.18 -9.24 15.83
N PHE A 159 -13.34 -9.31 15.19
CA PHE A 159 -13.40 -9.38 13.75
C PHE A 159 -12.94 -8.00 13.17
N LEU A 160 -13.45 -6.94 13.76
CA LEU A 160 -13.12 -5.60 13.33
C LEU A 160 -11.57 -5.37 13.57
N LEU A 161 -11.08 -5.76 14.73
CA LEU A 161 -9.69 -5.48 15.05
C LEU A 161 -8.75 -6.35 14.17
N ALA A 162 -9.14 -7.62 13.85
CA ALA A 162 -8.36 -8.46 12.99
C ALA A 162 -8.24 -7.82 11.61
N TRP A 163 -9.36 -7.37 10.98
CA TRP A 163 -9.24 -6.83 9.63
C TRP A 163 -8.49 -5.48 9.68
N ALA A 164 -8.63 -4.75 10.78
CA ALA A 164 -7.90 -3.48 10.86
C ALA A 164 -6.39 -3.71 11.04
N TRP A 165 -6.02 -4.75 11.78
CA TRP A 165 -4.58 -5.16 11.86
C TRP A 165 -4.04 -5.52 10.46
N ASN A 166 -4.73 -6.44 9.78
CA ASN A 166 -4.48 -6.72 8.38
C ASN A 166 -4.29 -5.48 7.50
N MET A 167 -5.26 -4.57 7.54
CA MET A 167 -5.41 -3.51 6.51
C MET A 167 -4.38 -2.41 6.77
N LEU A 168 -4.11 -2.16 8.04
CA LEU A 168 -3.22 -1.05 8.38
C LEU A 168 -1.76 -1.48 8.52
N GLY A 169 -1.53 -2.77 8.80
CA GLY A 169 -0.15 -3.24 8.99
C GLY A 169 0.35 -2.75 10.31
N GLN A 170 -0.55 -2.56 11.28
CA GLN A 170 -0.17 -2.08 12.61
C GLN A 170 -1.04 -2.78 13.65
N PRO A 171 -0.49 -3.11 14.80
CA PRO A 171 -1.28 -3.60 15.92
C PRO A 171 -2.16 -2.48 16.46
N ALA A 172 -3.23 -2.84 17.15
CA ALA A 172 -4.28 -1.89 17.48
C ALA A 172 -3.78 -0.72 18.30
N ASP A 173 -2.74 -0.96 19.10
CA ASP A 173 -2.20 0.07 19.96
C ASP A 173 -1.23 1.04 19.31
N GLN A 174 -0.88 0.79 18.06
CA GLN A 174 -0.04 1.70 17.31
C GLN A 174 -0.80 2.35 16.16
N ALA A 175 -1.88 1.71 15.74
CA ALA A 175 -2.73 2.23 14.69
C ALA A 175 -3.48 3.48 15.15
N SER A 176 -3.68 4.42 14.24
CA SER A 176 -4.57 5.54 14.50
C SER A 176 -5.99 5.30 14.06
N ALA A 177 -6.93 5.53 14.96
CA ALA A 177 -8.35 5.48 14.63
C ALA A 177 -8.75 6.40 13.49
N LEU A 178 -8.19 7.59 13.45
CA LEU A 178 -8.44 8.52 12.37
C LEU A 178 -8.09 7.92 11.01
N TRP A 179 -6.97 7.22 10.97
CA TRP A 179 -6.51 6.58 9.75
C TRP A 179 -7.42 5.44 9.31
N MET A 180 -7.90 4.66 10.26
CA MET A 180 -8.89 3.64 9.99
CA MET A 180 -8.90 3.63 9.98
C MET A 180 -10.12 4.27 9.35
N LEU A 181 -10.53 5.38 9.93
CA LEU A 181 -11.68 6.14 9.45
C LEU A 181 -11.46 6.74 8.07
N GLN A 182 -10.23 7.16 7.81
CA GLN A 182 -9.83 7.56 6.47
C GLN A 182 -9.96 6.48 5.41
N LEU A 183 -9.59 5.25 5.76
CA LEU A 183 -9.82 4.14 4.86
C LEU A 183 -11.30 3.89 4.62
N VAL A 184 -12.09 4.03 5.66
CA VAL A 184 -13.52 3.97 5.53
C VAL A 184 -14.07 5.03 4.58
N ALA A 185 -13.67 6.28 4.80
CA ALA A 185 -14.02 7.36 3.90
C ALA A 185 -13.63 7.06 2.46
N ALA A 186 -12.41 6.60 2.27
CA ALA A 186 -11.89 6.34 0.94
C ALA A 186 -12.69 5.31 0.16
N HIS A 187 -13.46 4.49 0.85
CA HIS A 187 -14.24 3.43 0.21
C HIS A 187 -15.72 3.79 0.16
N HIS A 188 -15.97 5.01 -0.28
CA HIS A 188 -17.29 5.60 -0.31
CA HIS A 188 -17.30 5.58 -0.34
C HIS A 188 -17.99 5.53 1.02
N TYR A 189 -17.22 5.77 2.06
CA TYR A 189 -17.74 5.75 3.41
C TYR A 189 -18.40 4.40 3.73
N SER A 190 -17.64 3.33 3.56
CA SER A 190 -18.14 2.03 3.81
C SER A 190 -17.11 1.28 4.63
N ILE A 191 -17.49 0.72 5.76
CA ILE A 191 -16.62 -0.25 6.49
C ILE A 191 -16.46 -1.57 5.67
N LEU A 192 -17.60 -2.07 5.21
CA LEU A 192 -17.61 -3.28 4.40
C LEU A 192 -16.73 -3.12 3.15
N GLY A 193 -16.79 -1.96 2.50
CA GLY A 193 -16.02 -1.80 1.26
C GLY A 193 -14.51 -1.99 1.44
N VAL A 194 -14.02 -1.70 2.62
CA VAL A 194 -12.63 -1.89 2.91
C VAL A 194 -12.14 -3.31 2.60
N VAL A 195 -12.99 -4.30 2.84
CA VAL A 195 -12.62 -5.67 2.58
C VAL A 195 -13.07 -6.16 1.21
N LEU A 196 -14.21 -5.66 0.76
CA LEU A 196 -14.78 -6.03 -0.54
C LEU A 196 -13.98 -5.53 -1.74
N SER A 197 -13.18 -4.50 -1.55
CA SER A 197 -12.27 -4.03 -2.58
C SER A 197 -11.11 -4.97 -2.91
N LEU A 198 -10.92 -6.01 -2.11
CA LEU A 198 -10.09 -7.13 -2.50
C LEU A 198 -10.79 -8.03 -3.49
N ASP A 199 -11.01 -7.53 -4.69
CA ASP A 199 -11.93 -8.16 -5.60
C ASP A 199 -11.19 -8.99 -6.63
N GLU A 200 -10.24 -8.36 -7.31
CA GLU A 200 -9.51 -9.05 -8.36
C GLU A 200 -8.00 -8.93 -8.29
N VAL A 201 -7.36 -9.82 -9.02
CA VAL A 201 -5.93 -9.83 -9.25
C VAL A 201 -5.63 -9.77 -10.75
N PHE A 202 -4.39 -9.38 -11.07
CA PHE A 202 -3.75 -9.59 -12.37
C PHE A 202 -3.59 -11.05 -12.68
N SER A 203 -4.20 -11.50 -13.78
CA SER A 203 -4.03 -12.86 -14.25
C SER A 203 -2.58 -13.24 -14.49
N ASN A 204 -1.79 -12.31 -15.01
CA ASN A 204 -0.41 -12.58 -15.34
C ASN A 204 0.58 -11.84 -14.47
N GLY A 205 0.09 -11.23 -13.40
CA GLY A 205 0.95 -10.48 -12.51
C GLY A 205 0.99 -9.01 -12.84
N SER A 206 1.43 -8.21 -11.87
CA SER A 206 1.39 -6.77 -11.99
C SER A 206 2.39 -6.27 -13.03
N ALA A 207 3.41 -7.08 -13.28
CA ALA A 207 4.42 -6.76 -14.29
C ALA A 207 3.85 -6.59 -15.69
N ASP A 208 2.76 -7.26 -15.98
CA ASP A 208 1.98 -7.01 -17.18
C ASP A 208 1.81 -5.51 -17.42
N LEU A 209 1.30 -4.81 -16.41
CA LEU A 209 1.00 -3.41 -16.55
C LEU A 209 2.25 -2.56 -16.45
N VAL A 210 3.14 -2.94 -15.56
CA VAL A 210 4.44 -2.32 -15.48
C VAL A 210 5.13 -2.29 -16.85
N ASP A 211 5.20 -3.43 -17.50
CA ASP A 211 5.85 -3.52 -18.79
C ASP A 211 5.13 -2.73 -19.88
N ALA A 212 3.80 -2.78 -19.89
CA ALA A 212 3.03 -2.00 -20.84
C ALA A 212 3.29 -0.51 -20.73
N MET A 213 3.38 -0.03 -19.51
CA MET A 213 3.60 1.39 -19.28
C MET A 213 5.00 1.83 -19.63
N SER A 214 5.99 1.02 -19.24
CA SER A 214 7.37 1.37 -19.45
C SER A 214 7.76 1.40 -20.91
N GLN A 215 7.09 0.59 -21.72
CA GLN A 215 7.31 0.56 -23.16
C GLN A 215 7.00 1.90 -23.82
N GLU A 216 6.20 2.72 -23.15
CA GLU A 216 5.87 4.03 -23.64
C GLU A 216 6.82 5.10 -23.09
N ILE A 217 7.81 4.68 -22.33
CA ILE A 217 8.75 5.60 -21.72
C ILE A 217 10.15 5.45 -22.29
N PRO A 218 10.63 6.53 -22.89
CA PRO A 218 11.77 6.46 -23.81
C PRO A 218 13.11 6.55 -23.09
N GLU A 219 13.18 7.29 -22.01
CA GLU A 219 14.39 7.31 -21.25
CA GLU A 219 14.38 7.31 -21.25
C GLU A 219 14.25 6.87 -19.82
N ILE A 220 14.86 5.72 -19.55
CA ILE A 220 14.91 5.12 -18.22
C ILE A 220 16.33 4.70 -17.82
N ARG A 221 16.74 5.08 -16.62
CA ARG A 221 17.97 4.59 -16.03
CA ARG A 221 17.97 4.60 -16.03
C ARG A 221 17.67 3.84 -14.75
N LEU A 222 17.99 2.56 -14.80
CA LEU A 222 17.95 1.63 -13.66
C LEU A 222 19.22 1.85 -12.90
N GLN A 223 19.33 1.23 -11.74
CA GLN A 223 20.43 1.37 -10.81
C GLN A 223 20.96 2.77 -10.63
N THR A 224 20.04 3.73 -10.61
CA THR A 224 20.40 5.11 -10.45
C THR A 224 19.67 5.70 -9.25
N VAL A 225 20.37 5.74 -8.13
CA VAL A 225 19.80 6.17 -6.88
C VAL A 225 20.02 7.66 -6.69
N VAL A 226 18.93 8.41 -6.54
CA VAL A 226 19.01 9.82 -6.29
C VAL A 226 19.33 10.13 -4.83
N THR A 227 20.29 11.02 -4.63
CA THR A 227 20.79 11.36 -3.31
C THR A 227 20.60 12.86 -3.05
N GLY A 228 20.31 13.60 -4.10
CA GLY A 228 20.25 15.04 -4.00
C GLY A 228 19.28 15.64 -5.00
N ILE A 229 18.48 16.57 -4.52
CA ILE A 229 17.68 17.42 -5.37
C ILE A 229 17.81 18.89 -5.02
N ASP A 230 18.35 19.68 -5.93
CA ASP A 230 18.79 21.03 -5.59
C ASP A 230 18.11 22.03 -6.53
N GLN A 231 17.16 22.76 -6.01
CA GLN A 231 16.48 23.77 -6.85
C GLN A 231 16.89 25.22 -6.49
N SER A 232 18.07 25.39 -5.87
CA SER A 232 18.61 26.73 -5.61
C SER A 232 18.95 27.54 -6.89
N GLY A 233 19.40 26.89 -7.95
CA GLY A 233 19.53 27.52 -9.25
C GLY A 233 18.25 27.66 -10.06
N ASP A 234 18.38 28.22 -11.24
CA ASP A 234 17.24 28.45 -12.12
C ASP A 234 16.64 27.13 -12.61
N VAL A 235 17.48 26.12 -12.73
CA VAL A 235 17.08 24.79 -13.15
C VAL A 235 17.46 23.77 -12.09
N VAL A 236 16.58 22.82 -11.82
CA VAL A 236 16.81 21.82 -10.79
C VAL A 236 17.97 20.90 -11.13
N ASN A 237 18.86 20.70 -10.18
CA ASN A 237 19.92 19.72 -10.31
C ASN A 237 19.74 18.50 -9.43
N VAL A 238 19.75 17.34 -10.05
CA VAL A 238 19.52 16.07 -9.38
C VAL A 238 20.81 15.26 -9.35
N THR A 239 21.37 15.11 -8.16
CA THR A 239 22.55 14.28 -7.99
C THR A 239 22.22 12.86 -7.58
N VAL A 240 23.17 11.97 -7.83
CA VAL A 240 22.95 10.55 -8.02
C VAL A 240 24.15 9.83 -7.38
N LYS A 241 23.89 8.65 -6.82
N LYS A 241 23.93 8.65 -6.80
CA LYS A 241 24.87 7.94 -6.00
CA LYS A 241 24.94 8.05 -5.91
C LYS A 241 26.19 7.69 -6.73
C LYS A 241 26.35 8.04 -6.54
N ASP A 242 26.13 7.14 -7.92
N ASP A 242 26.49 7.42 -7.72
CA ASP A 242 27.39 6.84 -8.60
CA ASP A 242 27.80 7.41 -8.37
C ASP A 242 27.35 7.36 -10.06
C ASP A 242 28.46 8.78 -8.45
N GLY A 243 27.29 8.67 -10.24
N GLY A 243 27.76 9.82 -8.01
CA GLY A 243 27.21 9.14 -11.60
CA GLY A 243 28.32 11.13 -7.98
C GLY A 243 27.14 10.64 -11.73
C GLY A 243 27.86 11.92 -9.17
N HIS A 244 27.11 11.14 -12.95
N HIS A 244 27.31 11.26 -10.18
CA HIS A 244 26.93 12.56 -13.21
CA HIS A 244 26.83 12.09 -11.32
C HIS A 244 25.50 12.99 -12.92
C HIS A 244 25.59 12.97 -11.04
N ALA A 245 25.33 14.27 -12.63
N ALA A 245 24.99 13.53 -12.10
CA ALA A 245 24.06 14.89 -12.28
CA ALA A 245 23.91 14.56 -12.00
C ALA A 245 23.17 15.03 -13.49
C ALA A 245 23.15 14.77 -13.32
N PHE A 246 21.88 15.20 -13.22
CA PHE A 246 20.93 15.43 -14.30
C PHE A 246 20.16 16.66 -13.92
N GLN A 247 19.70 17.38 -14.94
CA GLN A 247 19.02 18.65 -14.74
C GLN A 247 17.64 18.69 -15.40
N ALA A 248 16.71 19.40 -14.79
CA ALA A 248 15.38 19.56 -15.34
C ALA A 248 14.66 20.78 -14.77
N HIS A 249 13.71 21.30 -15.52
CA HIS A 249 12.86 22.36 -15.01
C HIS A 249 12.04 21.89 -13.82
N SER A 250 11.53 20.67 -13.90
CA SER A 250 10.72 20.09 -12.84
C SER A 250 11.17 18.70 -12.41
N VAL A 251 11.11 18.45 -11.12
CA VAL A 251 11.33 17.11 -10.61
C VAL A 251 10.11 16.54 -9.89
N ILE A 252 9.76 15.31 -10.24
CA ILE A 252 8.80 14.53 -9.49
C ILE A 252 9.49 13.49 -8.60
N VAL A 253 9.32 13.67 -7.30
CA VAL A 253 9.61 12.63 -6.35
C VAL A 253 8.50 11.59 -6.29
N ALA A 254 8.75 10.44 -6.88
CA ALA A 254 7.81 9.33 -6.86
C ALA A 254 8.44 8.14 -6.17
N THR A 255 9.22 8.45 -5.14
CA THR A 255 9.74 7.44 -4.24
C THR A 255 8.93 7.37 -2.97
N PRO A 256 9.08 6.28 -2.24
CA PRO A 256 8.30 6.08 -1.01
C PRO A 256 8.64 7.12 0.05
N MET A 257 7.61 7.52 0.79
CA MET A 257 7.72 8.54 1.80
C MET A 257 8.87 8.30 2.76
N ASN A 258 9.06 7.06 3.16
CA ASN A 258 10.04 6.75 4.21
C ASN A 258 11.47 6.78 3.66
N THR A 259 11.65 7.02 2.36
CA THR A 259 12.97 7.26 1.75
C THR A 259 13.35 8.72 1.51
N TRP A 260 12.42 9.65 1.67
CA TRP A 260 12.69 11.06 1.42
C TRP A 260 13.77 11.63 2.30
N ARG A 261 13.75 11.18 3.54
CA ARG A 261 14.70 11.54 4.53
C ARG A 261 16.16 11.24 4.13
N ARG A 262 16.41 10.31 3.20
CA ARG A 262 17.76 10.05 2.73
C ARG A 262 18.20 10.97 1.60
N ILE A 263 17.33 11.81 1.04
CA ILE A 263 17.75 12.63 -0.07
C ILE A 263 18.03 13.94 0.59
N VAL A 264 19.10 14.64 0.15
CA VAL A 264 19.34 16.06 0.54
C VAL A 264 18.61 17.01 -0.41
N PHE A 265 17.64 17.73 0.15
CA PHE A 265 16.90 18.72 -0.59
C PHE A 265 17.53 20.09 -0.37
N THR A 266 17.76 20.81 -1.46
CA THR A 266 18.20 22.19 -1.39
C THR A 266 17.28 23.10 -2.20
N PRO A 267 16.73 24.10 -1.55
CA PRO A 267 16.85 24.25 -0.11
C PRO A 267 16.08 23.19 0.65
N ALA A 268 16.16 23.22 1.96
CA ALA A 268 15.42 22.31 2.80
C ALA A 268 13.92 22.41 2.56
N LEU A 269 13.23 21.31 2.80
CA LEU A 269 11.78 21.19 2.52
C LEU A 269 11.04 22.07 3.54
N PRO A 270 9.81 22.49 3.22
CA PRO A 270 9.12 23.34 4.21
C PRO A 270 9.06 22.71 5.59
N GLU A 271 9.35 23.53 6.58
CA GLU A 271 9.55 23.09 7.92
C GLU A 271 8.44 22.22 8.55
N ARG A 272 7.18 22.53 8.24
CA ARG A 272 5.99 21.78 8.75
C ARG A 272 6.17 20.28 8.41
N ARG A 273 6.90 19.99 7.33
CA ARG A 273 6.98 18.66 6.78
C ARG A 273 8.08 17.82 7.42
N ARG A 274 9.04 18.49 8.01
CA ARG A 274 10.37 17.91 8.20
C ARG A 274 10.38 16.81 9.25
N SER A 275 9.68 17.02 10.34
CA SER A 275 9.66 16.05 11.42
C SER A 275 9.08 14.69 11.00
N VAL A 276 7.92 14.72 10.36
CA VAL A 276 7.27 13.51 9.92
C VAL A 276 8.11 12.78 8.88
N ILE A 277 8.69 13.54 7.96
CA ILE A 277 9.62 12.99 6.98
C ILE A 277 10.78 12.29 7.64
N GLU A 278 11.34 12.91 8.67
CA GLU A 278 12.37 12.29 9.48
C GLU A 278 11.93 11.06 10.29
N GLU A 279 10.81 11.20 11.00
CA GLU A 279 10.16 10.06 11.65
C GLU A 279 9.95 8.90 10.69
N GLY A 280 9.41 9.20 9.51
CA GLY A 280 8.68 8.21 8.74
C GLY A 280 7.32 7.85 9.28
N HIS A 281 6.48 7.26 8.44
CA HIS A 281 5.23 6.67 8.89
C HIS A 281 5.46 5.36 9.62
N GLY A 282 4.42 4.85 10.26
CA GLY A 282 4.55 3.68 11.10
C GLY A 282 4.04 2.37 10.50
N GLY A 283 3.82 2.37 9.20
CA GLY A 283 3.43 1.17 8.48
C GLY A 283 4.38 0.02 8.69
N GLN A 284 3.87 -1.09 9.19
CA GLN A 284 4.66 -2.28 9.42
C GLN A 284 4.04 -3.51 8.81
N GLY A 285 3.24 -3.31 7.78
CA GLY A 285 2.55 -4.40 7.14
C GLY A 285 3.48 -5.51 6.73
N LEU A 286 3.00 -6.73 6.84
CA LEU A 286 3.81 -7.89 6.55
C LEU A 286 2.97 -8.97 5.88
N LYS A 287 3.26 -9.22 4.62
CA LYS A 287 2.52 -10.20 3.86
C LYS A 287 3.33 -11.46 3.57
N ILE A 288 2.87 -12.58 4.09
CA ILE A 288 3.63 -13.82 4.01
C ILE A 288 2.90 -14.83 3.17
N LEU A 289 3.54 -15.24 2.08
CA LEU A 289 3.07 -16.37 1.32
C LEU A 289 3.57 -17.66 1.94
N ILE A 290 2.63 -18.55 2.21
CA ILE A 290 2.92 -19.77 2.91
C ILE A 290 2.60 -20.98 2.06
N HIS A 291 3.64 -21.73 1.75
CA HIS A 291 3.50 -22.94 0.98
C HIS A 291 3.05 -24.05 1.91
N VAL A 292 1.93 -24.68 1.61
CA VAL A 292 1.36 -25.63 2.62
C VAL A 292 0.92 -26.95 1.98
N ARG A 293 0.88 -28.02 2.80
CA ARG A 293 0.26 -29.29 2.42
CA ARG A 293 0.34 -29.32 2.46
C ARG A 293 -0.94 -29.59 3.35
N GLY A 294 -1.99 -30.20 2.79
CA GLY A 294 -3.12 -30.60 3.60
C GLY A 294 -4.22 -29.56 3.70
N ALA A 295 -4.07 -28.44 3.02
CA ALA A 295 -5.13 -27.44 3.03
C ALA A 295 -6.12 -27.66 1.89
N GLU A 296 -7.39 -27.78 2.24
CA GLU A 296 -8.48 -27.69 1.28
C GLU A 296 -8.49 -26.31 0.63
N ALA A 297 -9.04 -26.24 -0.57
CA ALA A 297 -9.17 -24.99 -1.30
C ALA A 297 -10.23 -24.08 -0.71
N GLY A 298 -10.04 -22.78 -0.91
CA GLY A 298 -11.04 -21.79 -0.58
C GLY A 298 -11.12 -21.43 0.89
N ILE A 299 -10.05 -21.66 1.63
CA ILE A 299 -10.05 -21.33 3.04
C ILE A 299 -9.96 -19.83 3.27
N GLU A 300 -10.78 -19.33 4.18
CA GLU A 300 -10.54 -18.03 4.71
C GLU A 300 -10.58 -18.02 6.27
N CYS A 301 -9.61 -17.38 6.93
CA CYS A 301 -9.63 -17.37 8.40
C CYS A 301 -9.38 -15.98 8.87
N VAL A 302 -10.26 -15.53 9.75
CA VAL A 302 -10.07 -14.30 10.45
C VAL A 302 -10.15 -14.63 11.93
N GLY A 303 -9.28 -14.02 12.72
CA GLY A 303 -9.31 -14.27 14.14
C GLY A 303 -8.37 -13.44 14.98
N ASP A 304 -8.14 -13.92 16.19
CA ASP A 304 -7.34 -13.23 17.18
C ASP A 304 -5.90 -13.74 17.20
N GLY A 305 -5.51 -14.45 16.14
CA GLY A 305 -4.15 -14.92 16.00
C GLY A 305 -3.14 -13.83 15.73
N ILE A 306 -1.88 -14.15 15.97
CA ILE A 306 -0.78 -13.34 15.50
C ILE A 306 -0.81 -13.10 13.99
N PHE A 307 -1.38 -14.02 13.24
CA PHE A 307 -1.98 -13.72 11.95
C PHE A 307 -3.47 -13.41 12.11
N PRO A 308 -3.85 -12.14 12.01
CA PRO A 308 -5.27 -11.81 12.08
C PRO A 308 -6.07 -12.40 10.93
N THR A 309 -5.46 -12.39 9.76
CA THR A 309 -6.00 -13.07 8.60
C THR A 309 -5.10 -14.15 8.04
N LEU A 310 -5.73 -15.22 7.57
CA LEU A 310 -5.06 -16.24 6.79
C LEU A 310 -5.99 -16.83 5.76
N TYR A 311 -5.65 -16.68 4.49
CA TYR A 311 -6.54 -17.11 3.43
C TYR A 311 -5.90 -17.70 2.18
N ASP A 312 -6.72 -18.40 1.39
CA ASP A 312 -6.26 -19.06 0.19
C ASP A 312 -5.64 -18.10 -0.81
N TYR A 313 -4.59 -18.55 -1.47
CA TYR A 313 -3.92 -17.70 -2.46
C TYR A 313 -3.82 -18.48 -3.78
N CYS A 314 -3.25 -19.66 -3.82
CA CYS A 314 -3.26 -20.40 -5.06
CA CYS A 314 -3.07 -20.37 -5.11
C CYS A 314 -2.98 -21.87 -4.89
N GLU A 315 -3.58 -22.62 -5.80
CA GLU A 315 -3.38 -24.05 -5.94
C GLU A 315 -2.02 -24.34 -6.45
N VAL A 316 -1.27 -25.20 -5.79
CA VAL A 316 0.05 -25.53 -6.23
C VAL A 316 -0.01 -26.91 -6.88
N SER A 317 -0.86 -27.79 -6.36
CA SER A 317 -1.03 -29.14 -6.86
C SER A 317 -2.23 -29.65 -6.15
N GLU A 318 -2.43 -30.96 -6.21
CA GLU A 318 -3.63 -31.53 -5.63
C GLU A 318 -3.53 -31.62 -4.11
N SER A 319 -2.31 -31.62 -3.61
CA SER A 319 -2.07 -31.66 -2.18
C SER A 319 -1.51 -30.36 -1.60
N GLU A 320 -1.02 -29.49 -2.46
CA GLU A 320 -0.27 -28.32 -2.04
C GLU A 320 -0.93 -27.00 -2.47
N ARG A 321 -0.71 -25.97 -1.67
CA ARG A 321 -1.24 -24.65 -1.95
C ARG A 321 -0.29 -23.59 -1.44
N LEU A 322 -0.43 -22.37 -1.94
CA LEU A 322 -0.06 -21.19 -1.18
C LEU A 322 -1.25 -20.58 -0.46
N LEU A 323 -1.06 -20.29 0.81
CA LEU A 323 -1.87 -19.32 1.52
C LEU A 323 -1.16 -17.99 1.68
N VAL A 324 -1.94 -16.97 2.03
CA VAL A 324 -1.40 -15.70 2.44
C VAL A 324 -1.81 -15.28 3.85
N ALA A 325 -0.82 -14.85 4.62
CA ALA A 325 -1.08 -14.28 5.92
C ALA A 325 -0.63 -12.82 5.95
N PHE A 326 -1.41 -12.00 6.63
CA PHE A 326 -1.01 -10.66 6.97
C PHE A 326 -0.82 -10.53 8.48
N THR A 327 0.28 -9.92 8.86
CA THR A 327 0.53 -9.49 10.23
C THR A 327 1.32 -8.19 10.16
N ASP A 328 2.17 -7.95 11.13
CA ASP A 328 3.11 -6.85 11.04
C ASP A 328 4.50 -7.22 11.56
N SER A 329 5.50 -6.49 11.11
CA SER A 329 6.90 -6.90 11.26
C SER A 329 7.46 -6.47 12.60
N GLY A 330 6.72 -5.60 13.29
CA GLY A 330 6.97 -5.32 14.68
C GLY A 330 6.53 -6.46 15.57
N SER A 331 5.43 -7.09 15.19
CA SER A 331 4.87 -8.16 15.98
C SER A 331 5.43 -9.54 15.66
N PHE A 332 5.89 -9.75 14.43
CA PHE A 332 6.09 -11.10 14.02
C PHE A 332 7.39 -11.24 13.28
N ASP A 333 8.11 -12.35 13.53
CA ASP A 333 9.33 -12.60 12.71
C ASP A 333 9.21 -13.70 11.68
N PRO A 334 9.11 -13.34 10.41
CA PRO A 334 8.74 -14.33 9.41
C PRO A 334 9.88 -15.34 9.19
N THR A 335 11.09 -15.05 9.65
CA THR A 335 12.18 -16.00 9.53
C THR A 335 12.19 -17.07 10.61
N ASP A 336 11.32 -16.92 11.61
CA ASP A 336 11.11 -17.95 12.62
C ASP A 336 10.01 -18.88 12.14
N ILE A 337 10.41 -19.93 11.44
CA ILE A 337 9.47 -20.87 10.86
C ILE A 337 8.68 -21.63 11.91
N GLY A 338 9.26 -21.90 13.08
CA GLY A 338 8.44 -22.50 14.14
C GLY A 338 7.28 -21.54 14.51
N ALA A 339 7.57 -20.23 14.55
CA ALA A 339 6.51 -19.24 14.81
C ALA A 339 5.41 -19.24 13.68
N VAL A 340 5.81 -19.36 12.39
CA VAL A 340 4.91 -19.43 11.32
C VAL A 340 4.00 -20.67 11.50
N LYS A 341 4.62 -21.82 11.81
CA LYS A 341 3.81 -23.03 11.99
C LYS A 341 2.76 -22.88 13.11
N ASP A 342 3.16 -22.34 14.25
CA ASP A 342 2.25 -22.08 15.34
C ASP A 342 1.07 -21.17 14.89
N ALA A 343 1.35 -20.11 14.11
CA ALA A 343 0.36 -19.11 13.73
C ALA A 343 -0.59 -19.71 12.76
N VAL A 344 -0.11 -20.59 11.88
CA VAL A 344 -1.03 -21.29 10.91
C VAL A 344 -1.86 -22.38 11.64
N LEU A 345 -1.19 -23.18 12.47
CA LEU A 345 -1.85 -24.28 13.12
C LEU A 345 -2.94 -23.82 14.06
N TYR A 346 -2.85 -22.58 14.55
CA TYR A 346 -3.88 -22.01 15.40
C TYR A 346 -5.24 -22.03 14.71
N TYR A 347 -5.25 -21.69 13.42
CA TYR A 347 -6.45 -21.70 12.61
C TYR A 347 -6.67 -23.08 11.98
N LEU A 348 -5.57 -23.71 11.59
CA LEU A 348 -5.62 -24.87 10.73
C LEU A 348 -4.71 -25.98 11.22
N PRO A 349 -5.18 -26.75 12.19
CA PRO A 349 -4.30 -27.65 12.93
C PRO A 349 -3.90 -28.88 12.15
N GLU A 350 -4.50 -29.04 10.97
CA GLU A 350 -4.30 -30.21 10.15
C GLU A 350 -3.33 -29.91 9.01
N VAL A 351 -2.91 -28.66 8.92
CA VAL A 351 -2.10 -28.20 7.80
C VAL A 351 -0.61 -28.25 8.13
N GLU A 352 0.18 -28.70 7.18
CA GLU A 352 1.62 -28.67 7.30
C GLU A 352 2.27 -27.55 6.51
N VAL A 353 3.08 -26.76 7.19
CA VAL A 353 3.77 -25.64 6.56
C VAL A 353 4.99 -26.22 5.83
N LEU A 354 5.12 -26.00 4.51
CA LEU A 354 6.35 -26.44 3.78
C LEU A 354 7.43 -25.34 3.57
N GLY A 355 7.06 -24.02 3.62
CA GLY A 355 8.01 -22.93 3.37
C GLY A 355 7.23 -21.59 3.37
N ILE A 356 7.94 -20.48 3.49
CA ILE A 356 7.30 -19.15 3.37
C ILE A 356 8.13 -18.28 2.38
N ASP A 357 7.51 -17.23 1.87
CA ASP A 357 8.09 -16.30 0.94
C ASP A 357 7.51 -14.96 1.29
N TYR A 358 8.37 -13.96 1.36
CA TYR A 358 7.95 -12.60 1.60
C TYR A 358 9.06 -11.68 1.12
N HIS A 359 8.78 -10.39 1.14
CA HIS A 359 9.80 -9.40 0.97
C HIS A 359 9.89 -8.50 2.19
N ASP A 360 11.10 -8.31 2.67
CA ASP A 360 11.33 -7.42 3.79
C ASP A 360 11.36 -5.96 3.35
N TRP A 361 10.18 -5.42 3.08
CA TRP A 361 10.05 -4.09 2.52
C TRP A 361 10.69 -3.08 3.45
N ILE A 362 10.58 -3.34 4.74
CA ILE A 362 11.05 -2.43 5.76
C ILE A 362 12.58 -2.37 5.82
N ALA A 363 13.25 -3.47 5.48
CA ALA A 363 14.69 -3.50 5.43
C ALA A 363 15.28 -3.06 4.09
N ASP A 364 14.43 -3.01 3.07
CA ASP A 364 14.85 -2.60 1.73
C ASP A 364 15.08 -1.10 1.66
N PRO A 365 16.31 -0.71 1.35
CA PRO A 365 16.71 0.69 1.43
C PRO A 365 16.07 1.54 0.35
N LEU A 366 15.49 0.89 -0.66
CA LEU A 366 14.68 1.55 -1.66
C LEU A 366 13.23 1.79 -1.24
N PHE A 367 12.90 1.46 0.00
CA PHE A 367 11.52 1.49 0.48
C PHE A 367 11.40 1.92 1.93
N GLU A 368 12.08 1.20 2.81
CA GLU A 368 12.06 1.46 4.24
C GLU A 368 10.65 1.42 4.82
N GLY A 369 9.85 0.49 4.32
CA GLY A 369 8.44 0.44 4.60
C GLY A 369 7.64 -0.33 3.57
N PRO A 370 6.57 -0.95 4.02
CA PRO A 370 5.50 -1.42 3.14
C PRO A 370 4.57 -0.26 2.79
N TRP A 371 3.27 -0.46 2.81
CA TRP A 371 2.33 0.63 2.53
C TRP A 371 2.21 1.62 3.68
N VAL A 372 1.74 2.82 3.39
CA VAL A 372 1.67 3.88 4.36
C VAL A 372 0.67 3.59 5.49
N ALA A 373 1.09 3.82 6.72
CA ALA A 373 0.19 4.11 7.81
C ALA A 373 0.85 5.01 8.85
N PRO A 374 0.16 6.06 9.23
CA PRO A 374 0.72 7.03 10.17
C PRO A 374 0.81 6.45 11.57
N ARG A 375 1.84 6.85 12.29
CA ARG A 375 1.85 6.79 13.74
C ARG A 375 0.73 7.66 14.30
N VAL A 376 0.24 7.30 15.49
CA VAL A 376 -0.78 8.14 16.19
C VAL A 376 -0.26 9.60 16.28
N GLY A 377 -1.08 10.56 15.89
CA GLY A 377 -0.70 11.95 15.98
C GLY A 377 -0.01 12.56 14.78
N GLN A 378 0.47 11.75 13.85
CA GLN A 378 1.19 12.29 12.71
C GLN A 378 0.30 13.09 11.77
N PHE A 379 -0.73 12.46 11.22
CA PHE A 379 -1.42 13.03 10.08
C PHE A 379 -2.43 14.10 10.44
N SER A 380 -2.75 14.22 11.72
CA SER A 380 -3.46 15.40 12.20
C SER A 380 -2.59 16.64 12.40
N ARG A 381 -1.28 16.45 12.49
CA ARG A 381 -0.30 17.53 12.35
C ARG A 381 0.00 17.93 10.91
N VAL A 382 0.36 16.96 10.10
CA VAL A 382 0.70 17.21 8.71
C VAL A 382 0.36 16.01 7.85
N HIS A 383 -0.33 16.28 6.77
CA HIS A 383 -0.71 15.23 5.85
C HIS A 383 -0.84 15.63 4.39
N LYS A 384 -1.78 16.51 4.08
CA LYS A 384 -1.92 17.04 2.75
C LYS A 384 -0.63 17.71 2.27
N GLU A 385 0.01 18.44 3.17
CA GLU A 385 1.27 19.09 2.87
C GLU A 385 2.34 18.17 2.29
N LEU A 386 2.38 16.93 2.77
CA LEU A 386 3.38 15.98 2.34
C LEU A 386 3.33 15.71 0.85
N GLY A 387 2.16 15.90 0.25
CA GLY A 387 1.99 15.65 -1.16
C GLY A 387 1.85 16.90 -2.01
N GLU A 388 2.18 18.03 -1.42
CA GLU A 388 2.20 19.27 -2.18
CA GLU A 388 2.21 19.28 -2.16
C GLU A 388 3.57 19.65 -2.69
N PRO A 389 3.58 20.36 -3.81
CA PRO A 389 4.83 20.85 -4.39
C PRO A 389 5.62 21.70 -3.40
N ALA A 390 6.93 21.54 -3.41
CA ALA A 390 7.83 22.56 -2.92
C ALA A 390 8.66 23.16 -4.05
N GLY A 391 8.28 24.36 -4.45
CA GLY A 391 8.70 24.94 -5.70
C GLY A 391 8.52 24.03 -6.90
N ARG A 392 9.63 23.58 -7.46
CA ARG A 392 9.64 22.83 -8.69
CA ARG A 392 9.60 22.83 -8.69
C ARG A 392 9.66 21.30 -8.53
N ILE A 393 9.72 20.94 -7.26
CA ILE A 393 9.74 19.58 -6.78
C ILE A 393 8.37 19.10 -6.35
N HIS A 394 7.84 18.15 -7.09
CA HIS A 394 6.57 17.51 -6.76
C HIS A 394 6.74 16.21 -6.00
N PHE A 395 5.74 15.91 -5.20
CA PHE A 395 5.70 14.68 -4.42
C PHE A 395 4.46 13.89 -4.75
N VAL A 396 4.67 12.68 -5.23
CA VAL A 396 3.56 11.83 -5.60
C VAL A 396 3.76 10.46 -4.99
N GLY A 397 2.84 9.55 -5.27
CA GLY A 397 2.91 8.24 -4.67
C GLY A 397 1.68 7.85 -3.90
N SER A 398 1.43 6.47 -3.86
N SER A 398 1.37 6.57 -3.91
CA SER A 398 0.42 5.91 -2.95
CA SER A 398 0.44 5.99 -2.98
C SER A 398 0.53 6.55 -1.56
C SER A 398 0.55 6.54 -1.56
N ASP A 399 1.77 6.72 -1.09
CA ASP A 399 2.01 7.16 0.29
C ASP A 399 1.32 8.50 0.62
N VAL A 400 1.16 9.36 -0.37
CA VAL A 400 0.65 10.70 -0.16
C VAL A 400 -0.73 10.98 -0.75
N SER A 401 -1.38 9.95 -1.29
CA SER A 401 -2.73 10.11 -1.84
C SER A 401 -3.75 10.43 -0.75
N LEU A 402 -4.54 11.47 -0.97
CA LEU A 402 -5.66 11.75 -0.09
C LEU A 402 -6.86 10.87 -0.38
N GLU A 403 -6.90 10.29 -1.56
CA GLU A 403 -8.10 9.67 -2.08
C GLU A 403 -8.07 8.17 -1.89
N PHE A 404 -6.89 7.59 -2.01
CA PHE A 404 -6.72 6.16 -2.06
CA PHE A 404 -6.73 6.20 -2.05
C PHE A 404 -5.39 5.73 -1.49
N PRO A 405 -5.07 6.19 -0.29
CA PRO A 405 -3.71 5.95 0.21
C PRO A 405 -3.44 4.49 0.45
N GLY A 406 -2.24 4.07 0.08
CA GLY A 406 -1.83 2.70 0.24
C GLY A 406 -2.29 1.75 -0.85
N TYR A 407 -3.03 2.26 -1.82
CA TYR A 407 -3.44 1.45 -2.95
C TYR A 407 -2.73 1.90 -4.23
N ILE A 408 -2.68 1.00 -5.20
CA ILE A 408 -2.17 1.35 -6.51
C ILE A 408 -2.92 2.53 -7.11
N GLU A 409 -4.23 2.54 -6.95
CA GLU A 409 -5.04 3.65 -7.43
C GLU A 409 -4.53 5.00 -6.94
N GLY A 410 -4.01 5.02 -5.72
CA GLY A 410 -3.44 6.21 -5.15
C GLY A 410 -2.15 6.67 -5.81
N ALA A 411 -1.32 5.73 -6.22
CA ALA A 411 -0.17 6.05 -7.05
C ALA A 411 -0.55 6.70 -8.38
N LEU A 412 -1.58 6.19 -9.03
CA LEU A 412 -2.06 6.78 -10.27
C LEU A 412 -2.67 8.16 -10.06
N GLU A 413 -3.40 8.33 -8.97
CA GLU A 413 -4.12 9.55 -8.70
C GLU A 413 -3.20 10.73 -8.41
N THR A 414 -2.20 10.49 -7.59
CA THR A 414 -1.18 11.49 -7.30
C THR A 414 -0.38 11.89 -8.54
N ALA A 415 -0.05 10.93 -9.39
CA ALA A 415 0.67 11.20 -10.63
C ALA A 415 -0.11 12.10 -11.59
N GLU A 416 -1.37 11.74 -11.76
CA GLU A 416 -2.33 12.55 -12.50
C GLU A 416 -2.30 14.01 -12.07
N CYS A 417 -2.40 14.24 -10.77
CA CYS A 417 -2.31 15.58 -10.32
CA CYS A 417 -2.23 15.57 -10.24
C CYS A 417 -0.95 16.32 -10.55
N ALA A 418 0.18 15.62 -10.47
CA ALA A 418 1.45 16.26 -10.74
C ALA A 418 1.63 16.56 -12.22
N VAL A 419 1.25 15.62 -13.06
CA VAL A 419 1.29 15.83 -14.49
C VAL A 419 0.54 17.11 -14.86
N ASN A 420 -0.66 17.25 -14.34
CA ASN A 420 -1.50 18.38 -14.69
C ASN A 420 -0.98 19.69 -14.16
N ALA A 421 -0.50 19.68 -12.93
CA ALA A 421 0.22 20.80 -12.37
C ALA A 421 1.38 21.24 -13.26
N ILE A 422 2.09 20.28 -13.82
CA ILE A 422 3.27 20.60 -14.59
C ILE A 422 2.90 21.13 -15.96
N LEU A 423 1.86 20.54 -16.56
CA LEU A 423 1.42 20.95 -17.88
C LEU A 423 0.82 22.35 -17.90
N HIS A 424 0.31 22.80 -16.75
CA HIS A 424 0.07 24.21 -16.53
C HIS A 424 1.27 24.97 -15.97
N SER A 425 2.18 25.35 -16.86
CA SER A 425 3.43 26.06 -16.49
C SER A 425 4.18 26.62 -17.70
N1 HNK B . -5.12 -6.73 3.10
C2 HNK B . -4.64 -5.56 2.64
C3 HNK B . -4.23 -5.54 1.28
C4 HNK B . -4.33 -6.66 0.47
C5 HNK B . -4.86 -7.85 0.98
C6 HNK B . -5.27 -7.84 2.34
O6 HNK B . -5.77 -8.97 2.89
C7 HNK B . -3.70 -4.31 0.65
C8 HNK B . -4.74 -3.41 -0.02
C9 HNK B . -3.98 -2.07 -0.09
C10 HNK B . -2.79 -2.14 0.85
N11 HNK B . -3.04 -3.40 1.57
C12 HNK B . -1.77 -4.03 1.81
PA FAD C . 6.64 2.36 -5.28
O1A FAD C . 5.94 1.23 -6.00
O2A FAD C . 7.25 2.23 -3.94
O5B FAD C . 7.83 2.96 -6.24
C5B FAD C . 8.91 3.74 -5.64
C4B FAD C . 10.19 3.63 -6.55
O4B FAD C . 11.22 4.46 -6.03
C3B FAD C . 10.74 2.21 -6.33
O3B FAD C . 10.85 1.52 -7.56
C2B FAD C . 12.09 2.29 -5.60
O2B FAD C . 12.96 1.36 -6.21
C1B FAD C . 12.44 3.67 -6.10
N9A FAD C . 13.40 4.47 -5.28
C8A FAD C . 13.48 4.54 -3.94
N7A FAD C . 14.46 5.46 -3.57
C5A FAD C . 14.99 5.94 -4.78
C6A FAD C . 15.98 6.84 -5.00
N6A FAD C . 16.53 7.60 -4.00
N1A FAD C . 16.23 7.05 -6.28
C2A FAD C . 15.67 6.41 -7.38
N3A FAD C . 14.62 5.55 -7.12
C4A FAD C . 14.34 5.31 -5.83
N1 FAD C . -1.80 -2.03 -3.39
C2 FAD C . -3.00 -2.38 -3.97
O2 FAD C . -3.60 -1.58 -4.67
N3 FAD C . -3.55 -3.63 -3.76
C4 FAD C . -2.86 -4.53 -2.95
O4 FAD C . -3.35 -5.65 -2.81
C4X FAD C . -1.67 -4.21 -2.37
N5 FAD C . -0.98 -5.08 -1.54
C5X FAD C . 0.28 -4.75 -1.07
C6 FAD C . 1.02 -5.60 -0.27
C7 FAD C . 2.30 -5.22 0.21
C7M FAD C . 3.07 -6.25 1.07
C8 FAD C . 2.83 -3.95 -0.11
C8M FAD C . 4.19 -3.49 0.36
C9 FAD C . 2.07 -3.05 -0.87
C9A FAD C . 0.81 -3.46 -1.36
N10 FAD C . 0.09 -2.57 -2.13
C10 FAD C . -1.10 -2.95 -2.68
C1' FAD C . 0.32 -1.08 -1.88
C2' FAD C . 0.73 -0.51 -3.25
O2' FAD C . 1.34 -1.66 -3.88
C3' FAD C . 1.77 0.62 -3.16
O3' FAD C . 1.38 1.71 -2.28
C4' FAD C . 2.13 1.18 -4.56
O4' FAD C . 2.56 0.22 -5.50
C5' FAD C . 3.22 2.25 -4.46
O5' FAD C . 3.45 2.74 -5.77
P FAD C . 4.32 4.09 -5.85
O1P FAD C . 4.64 4.41 -7.26
O2P FAD C . 3.78 5.14 -4.89
O3P FAD C . 5.70 3.65 -5.09
P GP7 D . -25.39 -14.56 1.06
C1 GP7 D . -23.36 -14.99 2.73
C2 GP7 D . -23.19 -13.52 3.11
O2 GP7 D . -21.82 -13.29 3.29
C3 GP7 D . -23.84 -13.22 4.45
O3 GP7 D . -23.64 -11.84 4.67
C11 GP7 D . -24.60 -11.01 5.39
O11 GP7 D . -25.01 -11.39 6.48
C12 GP7 D . -25.08 -9.73 4.77
C13 GP7 D . -25.58 -8.80 5.86
C14 GP7 D . -24.62 -7.70 6.33
C15 GP7 D . -25.31 -6.32 6.44
C16 GP7 D . -24.32 -5.12 6.50
C17 GP7 D . -24.31 -4.41 7.84
C18 GP7 D . -23.27 -3.34 8.07
C19 GP7 D . -22.30 -3.93 9.10
O1P GP7 D . -24.96 -13.26 0.47
C20 GP7 D . -20.90 -3.43 8.94
C21 GP7 D . -20.01 -4.45 9.59
C22 GP7 D . -19.08 -3.94 10.70
C23 GP7 D . -18.18 -5.07 11.25
C24 GP7 D . -17.99 -4.99 12.78
C25 GP7 D . -18.18 -3.56 13.40
O2P GP7 D . -26.04 -15.37 -0.05
C31 GP7 D . -21.27 -12.06 2.78
O31 GP7 D . -20.69 -12.03 1.67
C32 GP7 D . -21.39 -10.87 3.70
C33 GP7 D . -20.54 -9.74 3.21
C34 GP7 D . -19.08 -10.09 3.44
C35 GP7 D . -18.37 -8.87 4.01
C36 GP7 D . -17.25 -9.32 4.93
C37 GP7 D . -16.17 -8.28 5.16
C38 GP7 D . -16.58 -7.45 6.33
C39 GP7 D . -15.48 -6.54 6.79
O3P GP7 D . -23.95 -15.19 1.44
C40 GP7 D . -15.93 -5.58 7.88
C41 GP7 D . -14.75 -5.17 8.83
C42 GP7 D . -13.70 -4.36 8.06
C43 GP7 D . -12.91 -3.54 9.05
C44 GP7 D . -11.99 -2.56 8.28
C45 GP7 D . -10.86 -1.88 9.11
C46 GP7 D . -10.14 -0.72 8.36
O4P GP7 D . -26.06 -14.58 2.41
N1 HNM E . -11.37 -11.90 -0.82
C2 HNM E . -12.48 -11.74 -0.06
C3 HNM E . -12.47 -11.45 1.31
C4 HNM E . -11.19 -11.34 1.91
C5 HNM E . -10.02 -11.51 1.12
C6 HNM E . -10.15 -11.79 -0.27
O6 HNM E . -9.11 -11.97 -1.10
C7 HNM E . -13.81 -11.35 2.05
O7 HNM E . -13.95 -11.63 3.27
C8 HNM E . -15.10 -10.94 1.39
C9 HNM E . -15.08 -10.91 -0.13
C10 HNM E . -14.14 -9.86 -0.74
N11 HNM E . -14.28 -9.96 -2.18
C12 HNM E . -14.40 -11.27 -2.84
#